data_5O0I
#
_entry.id   5O0I
#
_cell.length_a   77.135
_cell.length_b   77.135
_cell.length_c   133.889
_cell.angle_alpha   90.000
_cell.angle_beta   90.000
_cell.angle_gamma   120.000
#
_symmetry.space_group_name_H-M   'P 32 2 1'
#
loop_
_entity.id
_entity.type
_entity.pdbx_description
1 polymer 'ADP-dependent glucokinase'
2 non-polymer 'SULFATE ION'
3 non-polymer 1,2-ETHANEDIOL
4 non-polymer 'ACETATE ION'
5 water water
#
_entity_poly.entity_id   1
_entity_poly.type   'polypeptide(L)'
_entity_poly.pdbx_seq_one_letter_code
;MTNWESLYEKALDKVEASIRKVRGVLLAYNTNIDAIKYLKREDLEKRIEKVGKEEVLRYSEELPKEIETIPQLLGSILWS
IKRGKAAELLVVSREVREYMRKWGWDELRMGGQVGIMANLLGGVYGIPVIAHVPQLSELQASLFLDGPIYVPTFERGELR
LIHPREFRKGEEDCIHYIYEFPRNFKVLDFEAPRENRFIGAADDYNPILYVREEWIERFEEIAKRSELAIISGLHPLTQE
NHGKPIKLVREHLKILNDLGIRAHLEFAFTPDEVVRLEIVKLLKHFYSVGLNEVELASVVSVMGEKELAERIISKDPADP
IAVIEGLLKLIKETGVKRIHFHTYGYYLALTREKGEHVRDALLFSALAAATKAMKGNIEKLSDIREGLAVPIGEQGLEVE
KILEKEFSLRDGIGSIEDYQLTFIPTKVVKKPKSTVGIGDTISSSAFVSEFSLH
;
_entity_poly.pdbx_strand_id   A
#
loop_
_chem_comp.id
_chem_comp.type
_chem_comp.name
_chem_comp.formula
ACT non-polymer 'ACETATE ION' 'C2 H3 O2 -1'
EDO non-polymer 1,2-ETHANEDIOL 'C2 H6 O2'
SO4 non-polymer 'SULFATE ION' 'O4 S -2'
#
# COMPACT_ATOMS: atom_id res chain seq x y z
N MET A 1 -19.45 -23.02 -15.91
CA MET A 1 -18.41 -22.09 -15.50
C MET A 1 -18.89 -20.64 -15.67
N THR A 2 -18.35 -19.75 -14.85
CA THR A 2 -18.72 -18.33 -14.89
C THR A 2 -18.05 -17.63 -16.07
N ASN A 3 -18.78 -16.71 -16.72
CA ASN A 3 -18.20 -15.91 -17.82
C ASN A 3 -17.50 -14.71 -17.18
N TRP A 4 -16.34 -14.96 -16.59
CA TRP A 4 -15.61 -13.89 -15.95
C TRP A 4 -15.17 -12.80 -16.94
N GLU A 5 -14.86 -13.15 -18.19
CA GLU A 5 -14.38 -12.10 -19.08
C GLU A 5 -15.47 -11.08 -19.36
N SER A 6 -16.70 -11.54 -19.57
CA SER A 6 -17.82 -10.62 -19.75
C SER A 6 -18.05 -9.73 -18.51
N LEU A 7 -17.97 -10.31 -17.31
CA LEU A 7 -18.17 -9.54 -16.07
C LEU A 7 -17.08 -8.50 -15.88
N TYR A 8 -15.83 -8.86 -16.22
CA TYR A 8 -14.69 -7.94 -16.13
C TYR A 8 -14.89 -6.77 -17.08
N GLU A 9 -15.39 -7.03 -18.29
CA GLU A 9 -15.59 -5.96 -19.26
C GLU A 9 -16.69 -5.02 -18.80
N LYS A 10 -17.81 -5.57 -18.35
CA LYS A 10 -18.88 -4.73 -17.82
C LYS A 10 -18.44 -3.92 -16.61
N ALA A 11 -17.65 -4.51 -15.72
CA ALA A 11 -17.21 -3.79 -14.53
C ALA A 11 -16.36 -2.58 -14.91
N LEU A 12 -15.48 -2.76 -15.87
CA LEU A 12 -14.65 -1.64 -16.30
C LEU A 12 -15.50 -0.52 -16.89
N ASP A 13 -16.46 -0.86 -17.76
CA ASP A 13 -17.31 0.17 -18.37
C ASP A 13 -18.12 0.91 -17.31
N LYS A 14 -18.62 0.19 -16.30
CA LYS A 14 -19.41 0.82 -15.24
C LYS A 14 -18.56 1.78 -14.40
N VAL A 15 -17.32 1.40 -14.06
CA VAL A 15 -16.47 2.27 -13.25
C VAL A 15 -16.02 3.50 -14.05
N GLU A 16 -15.73 3.31 -15.34
CA GLU A 16 -15.42 4.44 -16.20
C GLU A 16 -16.55 5.47 -16.25
N ALA A 17 -17.77 5.01 -16.22
CA ALA A 17 -18.88 5.96 -16.18
C ALA A 17 -18.98 6.61 -14.80
N SER A 18 -18.78 5.84 -13.73
N SER A 18 -18.78 5.84 -13.73
CA SER A 18 -19.15 6.28 -12.39
CA SER A 18 -19.15 6.29 -12.40
C SER A 18 -18.03 7.00 -11.64
C SER A 18 -18.03 7.01 -11.65
N ILE A 19 -16.76 6.76 -11.98
CA ILE A 19 -15.66 7.24 -11.16
C ILE A 19 -15.63 8.75 -11.09
N ARG A 20 -16.20 9.43 -12.08
CA ARG A 20 -16.28 10.88 -12.15
C ARG A 20 -17.16 11.47 -11.06
N LYS A 21 -17.96 10.66 -10.38
CA LYS A 21 -18.87 11.27 -9.42
C LYS A 21 -18.17 11.56 -8.11
N VAL A 22 -17.02 10.96 -7.84
CA VAL A 22 -16.33 11.16 -6.57
C VAL A 22 -15.76 12.58 -6.53
N ARG A 23 -16.13 13.33 -5.50
CA ARG A 23 -15.79 14.75 -5.44
C ARG A 23 -14.39 15.01 -4.91
N GLY A 24 -13.85 14.12 -4.09
CA GLY A 24 -12.54 14.34 -3.50
C GLY A 24 -12.18 13.24 -2.50
N VAL A 25 -10.91 12.81 -2.51
CA VAL A 25 -10.42 11.82 -1.57
C VAL A 25 -9.29 12.45 -0.78
N LEU A 26 -9.37 12.36 0.55
CA LEU A 26 -8.32 12.84 1.43
C LEU A 26 -7.31 11.72 1.65
N LEU A 27 -6.03 12.02 1.51
CA LEU A 27 -4.98 11.00 1.54
C LEU A 27 -3.92 11.43 2.53
N ALA A 28 -3.72 10.64 3.57
CA ALA A 28 -2.73 10.96 4.61
C ALA A 28 -2.19 9.63 5.14
N TYR A 29 -0.92 9.48 5.57
CA TYR A 29 0.03 10.57 5.84
C TYR A 29 1.40 10.52 5.13
N ASN A 30 1.75 9.37 4.56
CA ASN A 30 3.12 9.04 4.19
C ASN A 30 3.36 9.25 2.69
N THR A 31 4.25 10.18 2.36
CA THR A 31 4.69 10.49 1.00
C THR A 31 6.20 10.60 1.01
N ASN A 32 6.87 10.00 0.03
CA ASN A 32 8.31 10.13 -0.10
C ASN A 32 8.73 9.98 -1.56
N ILE A 33 10.05 10.04 -1.77
CA ILE A 33 10.71 9.78 -3.05
C ILE A 33 11.30 8.37 -3.03
N ASP A 34 11.09 7.61 -4.11
CA ASP A 34 11.74 6.31 -4.30
C ASP A 34 12.84 6.40 -5.36
N ALA A 35 14.05 6.03 -4.97
CA ALA A 35 15.24 6.08 -5.83
C ALA A 35 15.73 4.65 -5.99
N ILE A 36 15.64 4.11 -7.19
CA ILE A 36 15.91 2.69 -7.44
C ILE A 36 17.26 2.55 -8.11
N LYS A 37 18.11 1.71 -7.53
CA LYS A 37 19.42 1.41 -8.07
C LYS A 37 19.50 -0.07 -8.41
N TYR A 38 19.95 -0.37 -9.62
CA TYR A 38 20.11 -1.75 -10.07
C TYR A 38 21.55 -2.14 -9.79
N LEU A 39 21.73 -2.97 -8.78
CA LEU A 39 23.05 -3.31 -8.29
C LEU A 39 23.87 -4.04 -9.35
N LYS A 40 25.17 -3.77 -9.35
CA LYS A 40 26.11 -4.37 -10.27
C LYS A 40 27.23 -4.99 -9.46
N ARG A 41 27.70 -6.14 -9.92
CA ARG A 41 28.60 -6.95 -9.11
C ARG A 41 29.90 -6.19 -8.81
N GLU A 42 30.60 -5.72 -9.84
CA GLU A 42 31.94 -5.16 -9.61
C GLU A 42 31.86 -3.92 -8.74
N ASP A 43 30.86 -3.05 -8.97
CA ASP A 43 30.72 -1.87 -8.14
C ASP A 43 30.45 -2.26 -6.69
N LEU A 44 29.54 -3.21 -6.47
CA LEU A 44 29.24 -3.57 -5.08
C LEU A 44 30.44 -4.20 -4.41
N GLU A 45 31.21 -5.02 -5.13
CA GLU A 45 32.40 -5.62 -4.54
C GLU A 45 33.43 -4.58 -4.13
N LYS A 46 33.75 -3.66 -5.05
CA LYS A 46 34.72 -2.61 -4.80
C LYS A 46 34.33 -1.76 -3.58
N ARG A 47 33.04 -1.51 -3.43
CA ARG A 47 32.60 -0.67 -2.33
C ARG A 47 32.71 -1.41 -1.01
N ILE A 48 32.44 -2.71 -1.02
CA ILE A 48 32.64 -3.53 0.18
C ILE A 48 34.11 -3.57 0.55
N GLU A 49 35.00 -3.72 -0.45
CA GLU A 49 36.43 -3.73 -0.16
C GLU A 49 36.86 -2.42 0.48
N LYS A 50 36.44 -1.29 -0.09
CA LYS A 50 36.91 0.00 0.41
C LYS A 50 36.64 0.15 1.90
N VAL A 51 35.49 -0.34 2.38
CA VAL A 51 35.06 -0.12 3.75
C VAL A 51 35.39 -1.27 4.68
N GLY A 52 35.94 -2.37 4.17
CA GLY A 52 36.30 -3.49 5.02
C GLY A 52 35.37 -4.69 4.87
N LYS A 53 35.77 -5.65 4.05
CA LYS A 53 34.93 -6.82 3.77
C LYS A 53 34.47 -7.47 5.07
N GLU A 54 35.37 -7.51 6.05
CA GLU A 54 35.15 -8.16 7.35
C GLU A 54 33.88 -7.68 8.01
N GLU A 55 33.85 -6.38 8.33
CA GLU A 55 32.69 -5.80 9.00
C GLU A 55 31.42 -5.98 8.18
N VAL A 56 31.50 -5.75 6.88
CA VAL A 56 30.32 -5.90 6.03
C VAL A 56 29.73 -7.29 6.18
N LEU A 57 30.59 -8.31 6.13
CA LEU A 57 30.10 -9.68 6.20
C LEU A 57 29.40 -9.94 7.53
N ARG A 58 29.91 -9.36 8.62
CA ARG A 58 29.26 -9.50 9.92
C ARG A 58 27.80 -9.07 9.85
N TYR A 59 27.52 -7.90 9.26
CA TYR A 59 26.14 -7.43 9.19
C TYR A 59 25.30 -8.19 8.18
N SER A 60 25.90 -9.00 7.31
CA SER A 60 25.10 -9.81 6.41
C SER A 60 24.48 -11.01 7.12
N GLU A 61 25.05 -11.45 8.24
CA GLU A 61 24.47 -12.56 8.98
C GLU A 61 23.39 -12.11 9.96
N GLU A 62 23.39 -10.83 10.36
CA GLU A 62 22.44 -10.34 11.35
C GLU A 62 22.20 -8.86 11.07
N LEU A 63 20.97 -8.54 10.68
CA LEU A 63 20.63 -7.18 10.32
C LEU A 63 20.84 -6.23 11.48
N PRO A 64 21.39 -5.04 11.24
CA PRO A 64 21.33 -3.98 12.24
C PRO A 64 19.88 -3.56 12.50
N LYS A 65 19.67 -2.96 13.67
CA LYS A 65 18.39 -2.34 13.99
C LYS A 65 18.16 -1.10 13.13
N GLU A 66 19.23 -0.40 12.76
CA GLU A 66 19.19 0.74 11.87
C GLU A 66 20.58 0.89 11.33
N ILE A 67 20.73 1.75 10.31
CA ILE A 67 22.00 1.91 9.59
C ILE A 67 22.66 3.20 10.06
N GLU A 68 23.76 3.05 10.81
CA GLU A 68 24.57 4.16 11.29
C GLU A 68 25.89 4.34 10.54
N THR A 69 26.33 3.33 9.78
CA THR A 69 27.63 3.31 9.13
C THR A 69 27.50 2.68 7.75
N ILE A 70 28.57 2.84 6.96
CA ILE A 70 28.53 2.34 5.58
C ILE A 70 28.68 0.82 5.58
N PRO A 71 29.51 0.22 6.43
CA PRO A 71 29.48 -1.25 6.50
C PRO A 71 28.11 -1.79 6.87
N GLN A 72 27.34 -1.10 7.70
CA GLN A 72 25.97 -1.53 8.01
C GLN A 72 25.07 -1.47 6.79
N LEU A 73 25.21 -0.41 5.99
CA LEU A 73 24.42 -0.31 4.77
C LEU A 73 24.74 -1.48 3.84
N LEU A 74 26.03 -1.66 3.53
CA LEU A 74 26.40 -2.66 2.53
C LEU A 74 26.09 -4.06 3.02
N GLY A 75 26.33 -4.31 4.31
CA GLY A 75 26.04 -5.62 4.89
C GLY A 75 24.55 -5.93 4.92
N SER A 76 23.72 -4.91 5.14
CA SER A 76 22.27 -5.08 5.09
C SER A 76 21.82 -5.46 3.69
N ILE A 77 22.36 -4.78 2.68
CA ILE A 77 22.15 -5.17 1.30
C ILE A 77 22.48 -6.65 1.14
N LEU A 78 23.64 -7.04 1.64
CA LEU A 78 24.10 -8.42 1.42
C LEU A 78 23.18 -9.42 2.12
N TRP A 79 22.62 -9.03 3.26
CA TRP A 79 21.64 -9.86 3.95
C TRP A 79 20.46 -10.17 3.04
N SER A 80 19.88 -9.15 2.41
CA SER A 80 18.76 -9.38 1.51
C SER A 80 19.17 -10.25 0.33
N ILE A 81 20.37 -10.03 -0.19
CA ILE A 81 20.86 -10.76 -1.36
C ILE A 81 20.95 -12.27 -1.08
N LYS A 82 21.58 -12.65 0.02
CA LYS A 82 21.80 -14.08 0.23
C LYS A 82 20.58 -14.79 0.81
N ARG A 83 19.62 -14.06 1.37
CA ARG A 83 18.34 -14.65 1.69
C ARG A 83 17.32 -14.49 0.58
N GLY A 84 17.65 -13.75 -0.48
CA GLY A 84 16.66 -13.36 -1.47
C GLY A 84 15.44 -12.75 -0.85
N LYS A 85 15.62 -12.00 0.24
CA LYS A 85 14.50 -11.49 1.01
C LYS A 85 14.59 -9.97 1.14
N ALA A 86 13.44 -9.33 1.10
CA ALA A 86 13.35 -7.89 1.21
C ALA A 86 13.44 -7.48 2.66
N ALA A 87 14.12 -6.37 2.90
CA ALA A 87 14.23 -5.76 4.22
C ALA A 87 14.29 -4.25 4.04
N GLU A 88 13.91 -3.52 5.08
CA GLU A 88 14.03 -2.07 5.04
C GLU A 88 14.54 -1.60 6.40
N LEU A 89 15.49 -0.67 6.41
CA LEU A 89 16.01 -0.08 7.64
C LEU A 89 16.10 1.42 7.48
N LEU A 90 15.91 2.13 8.59
CA LEU A 90 16.18 3.56 8.62
C LEU A 90 17.67 3.83 8.52
N VAL A 91 18.03 4.86 7.79
CA VAL A 91 19.41 5.30 7.68
C VAL A 91 19.47 6.56 8.51
N VAL A 92 20.20 6.53 9.63
CA VAL A 92 20.17 7.62 10.58
C VAL A 92 21.45 8.41 10.61
N SER A 93 22.41 8.10 9.75
CA SER A 93 23.66 8.83 9.66
C SER A 93 23.62 9.79 8.49
N ARG A 94 23.97 11.06 8.75
CA ARG A 94 24.17 12.00 7.66
C ARG A 94 25.30 11.58 6.72
N GLU A 95 26.39 11.02 7.26
CA GLU A 95 27.46 10.55 6.40
C GLU A 95 26.98 9.42 5.50
N VAL A 96 26.17 8.52 6.04
CA VAL A 96 25.69 7.44 5.20
C VAL A 96 24.72 7.96 4.16
N ARG A 97 23.84 8.89 4.55
CA ARG A 97 22.93 9.45 3.55
C ARG A 97 23.71 10.10 2.43
N GLU A 98 24.73 10.90 2.78
CA GLU A 98 25.56 11.49 1.75
C GLU A 98 26.19 10.41 0.88
N TYR A 99 26.70 9.34 1.51
CA TYR A 99 27.27 8.21 0.75
C TYR A 99 26.25 7.65 -0.25
N MET A 100 25.02 7.48 0.18
CA MET A 100 23.97 6.94 -0.67
C MET A 100 23.60 7.92 -1.79
N ARG A 101 23.52 9.21 -1.47
CA ARG A 101 23.19 10.18 -2.50
C ARG A 101 24.24 10.19 -3.60
N LYS A 102 25.52 10.10 -3.20
CA LYS A 102 26.58 10.11 -4.18
C LYS A 102 26.61 8.80 -4.97
N TRP A 103 26.31 7.68 -4.33
CA TRP A 103 26.23 6.43 -5.07
C TRP A 103 25.10 6.48 -6.10
N GLY A 104 24.01 7.16 -5.79
CA GLY A 104 23.03 7.51 -6.81
C GLY A 104 22.02 6.42 -7.07
N TRP A 105 21.42 6.45 -8.26
CA TRP A 105 20.28 5.62 -8.58
C TRP A 105 20.06 5.69 -10.08
N ASP A 106 19.26 4.76 -10.58
CA ASP A 106 18.97 4.61 -11.99
C ASP A 106 17.59 5.08 -12.38
N GLU A 107 16.62 5.01 -11.45
CA GLU A 107 15.22 5.35 -11.69
C GLU A 107 14.64 6.07 -10.48
N LEU A 108 13.93 7.15 -10.73
CA LEU A 108 13.25 7.94 -9.72
C LEU A 108 11.73 7.80 -9.89
N ARG A 109 11.04 7.46 -8.79
CA ARG A 109 9.59 7.29 -8.79
C ARG A 109 8.99 7.88 -7.52
N MET A 110 7.73 8.25 -7.62
CA MET A 110 6.95 8.61 -6.45
C MET A 110 6.88 7.43 -5.48
N GLY A 111 6.94 7.75 -4.19
CA GLY A 111 6.94 6.76 -3.14
C GLY A 111 5.94 7.13 -2.06
N GLY A 112 5.69 6.18 -1.20
CA GLY A 112 4.74 6.38 -0.11
C GLY A 112 3.32 6.06 -0.52
N GLN A 113 2.57 5.53 0.42
CA GLN A 113 1.20 5.14 0.14
C GLN A 113 0.34 6.34 -0.28
N VAL A 114 0.54 7.51 0.34
CA VAL A 114 -0.17 8.71 -0.12
C VAL A 114 0.28 9.11 -1.54
N GLY A 115 1.58 9.14 -1.77
CA GLY A 115 2.04 9.65 -3.05
C GLY A 115 1.54 8.81 -4.21
N ILE A 116 1.63 7.51 -4.06
CA ILE A 116 1.27 6.62 -5.16
C ILE A 116 -0.24 6.65 -5.39
N MET A 117 -1.04 6.72 -4.33
N MET A 117 -1.03 6.72 -4.30
CA MET A 117 -2.49 6.82 -4.55
CA MET A 117 -2.48 6.83 -4.43
C MET A 117 -2.90 8.20 -5.06
C MET A 117 -2.90 8.18 -5.02
N ALA A 118 -2.19 9.25 -4.67
CA ALA A 118 -2.46 10.55 -5.31
C ALA A 118 -2.25 10.45 -6.80
N ASN A 119 -1.15 9.84 -7.21
CA ASN A 119 -0.91 9.75 -8.64
C ASN A 119 -1.96 8.85 -9.33
N LEU A 120 -2.36 7.77 -8.66
CA LEU A 120 -3.35 6.88 -9.25
C LEU A 120 -4.73 7.51 -9.24
N LEU A 121 -5.28 7.83 -8.06
CA LEU A 121 -6.63 8.37 -7.98
C LEU A 121 -6.75 9.70 -8.72
N GLY A 122 -5.83 10.61 -8.45
CA GLY A 122 -5.82 11.92 -9.03
C GLY A 122 -5.35 11.95 -10.48
N GLY A 123 -4.13 11.45 -10.72
CA GLY A 123 -3.53 11.57 -12.05
C GLY A 123 -4.13 10.63 -13.08
N VAL A 124 -4.42 9.38 -12.70
CA VAL A 124 -4.93 8.43 -13.68
C VAL A 124 -6.44 8.45 -13.74
N TYR A 125 -7.10 8.36 -12.60
CA TYR A 125 -8.56 8.29 -12.57
C TYR A 125 -9.26 9.65 -12.63
N GLY A 126 -8.55 10.76 -12.37
CA GLY A 126 -9.13 12.09 -12.48
C GLY A 126 -9.99 12.50 -11.32
N ILE A 127 -9.87 11.82 -10.19
CA ILE A 127 -10.58 12.13 -8.97
C ILE A 127 -9.76 13.14 -8.17
N PRO A 128 -10.32 14.28 -7.76
CA PRO A 128 -9.57 15.23 -6.93
C PRO A 128 -9.09 14.59 -5.64
N VAL A 129 -7.82 14.82 -5.33
CA VAL A 129 -7.25 14.32 -4.10
C VAL A 129 -6.64 15.50 -3.34
N ILE A 130 -6.69 15.39 -2.01
CA ILE A 130 -6.02 16.29 -1.09
C ILE A 130 -4.99 15.45 -0.36
N ALA A 131 -3.71 15.73 -0.58
CA ALA A 131 -2.66 14.82 -0.16
C ALA A 131 -1.82 15.43 0.94
N HIS A 132 -1.47 14.61 1.93
CA HIS A 132 -0.56 14.98 3.02
C HIS A 132 0.85 14.60 2.61
N VAL A 133 1.72 15.61 2.49
CA VAL A 133 3.11 15.45 2.08
C VAL A 133 4.03 16.01 3.17
N PRO A 134 4.69 15.15 3.95
CA PRO A 134 5.59 15.66 5.01
C PRO A 134 6.64 16.65 4.56
N GLN A 135 7.30 16.40 3.43
CA GLN A 135 8.34 17.29 2.89
C GLN A 135 8.12 17.40 1.38
N LEU A 136 7.51 18.50 0.96
CA LEU A 136 7.25 18.75 -0.46
C LEU A 136 8.37 19.59 -1.10
N SER A 137 9.54 18.96 -1.23
CA SER A 137 10.63 19.62 -1.96
C SER A 137 10.28 19.73 -3.45
N GLU A 138 11.12 20.47 -4.21
CA GLU A 138 10.91 20.55 -5.66
C GLU A 138 10.97 19.18 -6.31
N LEU A 139 11.95 18.36 -5.89
CA LEU A 139 12.05 16.98 -6.39
C LEU A 139 10.82 16.17 -6.02
N GLN A 140 10.35 16.28 -4.77
CA GLN A 140 9.15 15.56 -4.38
C GLN A 140 7.98 15.96 -5.26
N ALA A 141 7.85 17.27 -5.51
CA ALA A 141 6.72 17.79 -6.30
C ALA A 141 6.78 17.34 -7.75
N SER A 142 7.97 17.17 -8.27
CA SER A 142 8.13 16.89 -9.69
C SER A 142 7.58 15.51 -10.05
N LEU A 143 7.36 14.68 -9.05
CA LEU A 143 7.01 13.28 -9.27
C LEU A 143 5.50 13.01 -9.25
N PHE A 144 4.72 14.02 -8.93
CA PHE A 144 3.26 13.96 -9.05
C PHE A 144 2.82 14.02 -10.53
N LEU A 145 1.72 13.36 -10.80
CA LEU A 145 1.18 13.40 -12.15
C LEU A 145 0.39 14.69 -12.33
N ASP A 146 -0.06 14.90 -13.57
CA ASP A 146 -1.02 15.94 -13.91
C ASP A 146 -2.40 15.50 -13.43
N GLY A 147 -3.27 16.47 -13.21
CA GLY A 147 -4.62 16.17 -12.78
C GLY A 147 -4.94 16.88 -11.49
N PRO A 148 -6.07 16.57 -10.91
CA PRO A 148 -6.59 17.31 -9.75
C PRO A 148 -6.00 16.83 -8.43
N ILE A 149 -4.70 17.04 -8.29
CA ILE A 149 -3.94 16.62 -7.13
C ILE A 149 -3.60 17.89 -6.36
N TYR A 150 -4.04 17.97 -5.10
CA TYR A 150 -3.86 19.22 -4.37
C TYR A 150 -3.20 18.96 -3.05
N VAL A 151 -2.53 20.00 -2.54
CA VAL A 151 -2.08 20.04 -1.15
C VAL A 151 -2.72 21.27 -0.58
N PRO A 152 -3.06 21.27 0.71
CA PRO A 152 -3.68 22.46 1.30
C PRO A 152 -2.62 23.45 1.77
N THR A 153 -2.90 24.72 1.53
CA THR A 153 -2.10 25.79 2.09
C THR A 153 -3.09 26.82 2.61
N PHE A 154 -2.58 27.75 3.41
CA PHE A 154 -3.40 28.74 4.06
C PHE A 154 -2.75 30.09 3.86
N GLU A 155 -3.52 31.06 3.39
CA GLU A 155 -3.01 32.41 3.20
C GLU A 155 -3.36 33.24 4.43
N ARG A 156 -4.42 34.04 4.34
CA ARG A 156 -4.91 34.79 5.49
C ARG A 156 -5.85 33.89 6.30
N GLY A 157 -5.29 32.73 6.70
CA GLY A 157 -6.08 31.68 7.33
C GLY A 157 -7.10 31.05 6.39
N GLU A 158 -7.14 31.52 5.14
CA GLU A 158 -8.06 30.98 4.16
C GLU A 158 -7.42 29.75 3.52
N LEU A 159 -8.19 28.67 3.47
CA LEU A 159 -7.72 27.46 2.84
C LEU A 159 -7.65 27.64 1.33
N ARG A 160 -6.50 27.29 0.77
CA ARG A 160 -6.32 27.25 -0.67
C ARG A 160 -5.69 25.92 -1.05
N LEU A 161 -6.34 25.22 -1.95
CA LEU A 161 -5.79 23.99 -2.53
C LEU A 161 -4.97 24.32 -3.76
N ILE A 162 -3.75 23.79 -3.83
CA ILE A 162 -2.88 24.07 -4.96
C ILE A 162 -2.16 22.80 -5.41
N HIS A 163 -1.76 22.81 -6.67
CA HIS A 163 -1.02 21.67 -7.20
C HIS A 163 0.36 21.62 -6.53
N PRO A 164 0.91 20.42 -6.31
CA PRO A 164 2.23 20.33 -5.66
C PRO A 164 3.30 21.16 -6.33
N ARG A 165 3.30 21.21 -7.67
CA ARG A 165 4.33 21.93 -8.41
C ARG A 165 4.27 23.43 -8.19
N GLU A 166 3.19 23.95 -7.63
CA GLU A 166 3.12 25.37 -7.30
C GLU A 166 3.48 25.67 -5.85
N PHE A 167 3.81 24.65 -5.06
CA PHE A 167 4.14 24.88 -3.66
C PHE A 167 5.52 25.52 -3.53
N ARG A 168 5.70 26.29 -2.45
CA ARG A 168 6.96 27.01 -2.18
C ARG A 168 8.15 26.05 -2.08
N LYS A 169 9.32 26.53 -2.52
CA LYS A 169 10.55 25.75 -2.40
C LYS A 169 11.13 25.89 -0.98
N GLY A 170 11.98 24.94 -0.60
CA GLY A 170 12.61 24.97 0.71
C GLY A 170 12.62 23.64 1.45
N GLU A 171 11.63 22.77 1.23
CA GLU A 171 11.63 21.59 2.06
C GLU A 171 12.62 20.58 1.49
N GLU A 172 12.94 19.56 2.28
CA GLU A 172 14.00 18.64 1.94
C GLU A 172 13.47 17.39 1.23
N ASP A 173 14.39 16.64 0.62
CA ASP A 173 14.04 15.38 -0.05
C ASP A 173 14.02 14.22 0.94
N CYS A 174 12.87 13.49 1.03
CA CYS A 174 12.75 12.25 1.79
C CYS A 174 12.86 11.08 0.81
N ILE A 175 14.05 10.48 0.75
CA ILE A 175 14.38 9.47 -0.24
C ILE A 175 14.52 8.12 0.42
N HIS A 176 13.84 7.13 -0.15
CA HIS A 176 14.05 5.73 0.12
C HIS A 176 14.87 5.13 -1.02
N TYR A 177 16.06 4.65 -0.70
CA TYR A 177 16.97 4.12 -1.72
C TYR A 177 16.69 2.64 -1.81
N ILE A 178 16.27 2.20 -2.99
CA ILE A 178 15.81 0.82 -3.21
C ILE A 178 16.88 0.10 -4.01
N TYR A 179 17.63 -0.76 -3.34
CA TYR A 179 18.73 -1.50 -3.95
C TYR A 179 18.21 -2.83 -4.46
N GLU A 180 18.15 -2.96 -5.77
CA GLU A 180 17.54 -4.11 -6.45
C GLU A 180 18.59 -5.03 -7.05
N PHE A 181 18.31 -6.33 -7.03
CA PHE A 181 19.21 -7.31 -7.59
C PHE A 181 18.40 -8.43 -8.24
N PRO A 182 18.90 -9.00 -9.32
CA PRO A 182 18.17 -10.07 -10.00
C PRO A 182 18.32 -11.43 -9.32
N ARG A 183 17.51 -12.37 -9.78
CA ARG A 183 17.73 -13.77 -9.42
C ARG A 183 19.18 -14.15 -9.72
N ASN A 184 19.79 -14.89 -8.79
CA ASN A 184 21.14 -15.42 -8.97
C ASN A 184 22.20 -14.33 -9.14
N PHE A 185 21.88 -13.07 -8.75
CA PHE A 185 22.91 -12.05 -8.65
C PHE A 185 24.07 -12.56 -7.82
N LYS A 186 25.30 -12.37 -8.30
CA LYS A 186 26.50 -12.81 -7.60
C LYS A 186 27.30 -11.63 -7.07
N VAL A 187 27.89 -11.82 -5.89
CA VAL A 187 28.79 -10.81 -5.31
C VAL A 187 29.68 -11.51 -4.29
N LEU A 188 30.97 -11.20 -4.35
CA LEU A 188 31.95 -11.95 -3.57
C LEU A 188 31.71 -13.42 -3.87
N ASP A 189 31.18 -14.17 -2.90
CA ASP A 189 30.97 -15.60 -3.05
C ASP A 189 29.53 -15.98 -2.79
N PHE A 190 28.61 -15.03 -2.92
CA PHE A 190 27.19 -15.30 -2.70
C PHE A 190 26.45 -15.15 -4.01
N GLU A 191 25.25 -15.74 -4.04
CA GLU A 191 24.36 -15.66 -5.18
C GLU A 191 22.92 -15.62 -4.67
N ALA A 192 22.13 -14.70 -5.16
CA ALA A 192 20.82 -14.47 -4.55
C ALA A 192 19.85 -15.60 -4.90
N PRO A 193 19.16 -16.19 -3.90
CA PRO A 193 18.09 -17.15 -4.22
C PRO A 193 17.03 -16.61 -5.16
N ARG A 194 16.48 -15.44 -4.85
CA ARG A 194 15.38 -14.81 -5.59
C ARG A 194 15.79 -13.39 -5.97
N GLU A 195 15.06 -12.82 -6.92
CA GLU A 195 15.18 -11.40 -7.18
C GLU A 195 14.58 -10.65 -6.01
N ASN A 196 15.24 -9.59 -5.56
CA ASN A 196 14.63 -8.83 -4.50
C ASN A 196 15.34 -7.51 -4.28
N ARG A 197 15.17 -6.93 -3.10
CA ARG A 197 15.75 -5.62 -2.91
C ARG A 197 15.90 -5.32 -1.42
N PHE A 198 16.85 -4.44 -1.14
CA PHE A 198 16.97 -3.82 0.17
C PHE A 198 16.67 -2.33 0.05
N ILE A 199 15.96 -1.79 1.05
CA ILE A 199 15.55 -0.40 1.10
C ILE A 199 16.23 0.26 2.29
N GLY A 200 17.06 1.24 2.01
CA GLY A 200 17.54 2.14 3.05
C GLY A 200 16.76 3.45 3.06
N ALA A 201 16.02 3.68 4.13
CA ALA A 201 15.09 4.80 4.19
C ALA A 201 15.79 5.98 4.84
N ALA A 202 16.13 6.99 4.03
CA ALA A 202 16.80 8.20 4.50
C ALA A 202 15.75 9.26 4.81
N ASP A 203 14.96 8.95 5.83
CA ASP A 203 13.63 9.53 5.99
C ASP A 203 13.37 9.71 7.47
N ASP A 204 13.38 10.96 7.93
CA ASP A 204 13.14 11.32 9.33
C ASP A 204 11.68 11.60 9.60
N TYR A 205 10.82 11.51 8.60
CA TYR A 205 9.44 11.97 8.72
C TYR A 205 8.44 10.83 8.74
N ASN A 206 8.44 9.97 7.71
CA ASN A 206 7.39 8.99 7.61
C ASN A 206 7.49 7.87 8.64
N PRO A 207 8.69 7.44 9.03
CA PRO A 207 8.80 6.38 10.06
C PRO A 207 8.18 6.73 11.39
N ILE A 208 7.97 8.01 11.69
CA ILE A 208 7.31 8.43 12.92
C ILE A 208 5.92 8.98 12.65
N LEU A 209 5.42 8.84 11.43
CA LEU A 209 4.11 9.40 11.06
C LEU A 209 4.08 10.90 11.40
N TYR A 210 5.06 11.61 10.86
CA TYR A 210 5.07 13.06 10.95
C TYR A 210 3.76 13.62 10.39
N VAL A 211 3.22 14.65 11.05
CA VAL A 211 1.99 15.33 10.59
C VAL A 211 2.28 16.83 10.52
N ARG A 212 2.03 17.41 9.34
CA ARG A 212 2.26 18.83 9.12
C ARG A 212 1.43 19.66 10.08
N GLU A 213 2.02 20.75 10.54
CA GLU A 213 1.35 21.61 11.51
C GLU A 213 -0.05 22.02 11.05
N GLU A 214 -0.21 22.39 9.78
CA GLU A 214 -1.53 22.83 9.29
C GLU A 214 -2.56 21.70 9.31
N TRP A 215 -2.12 20.47 9.18
CA TRP A 215 -3.06 19.36 9.29
C TRP A 215 -3.37 19.02 10.73
N ILE A 216 -2.53 19.47 11.66
CA ILE A 216 -2.87 19.33 13.07
C ILE A 216 -3.84 20.43 13.49
N GLU A 217 -3.60 21.68 13.09
CA GLU A 217 -4.42 22.78 13.55
C GLU A 217 -5.69 23.01 12.71
N ARG A 218 -5.73 22.56 11.46
CA ARG A 218 -6.87 22.89 10.59
C ARG A 218 -7.44 21.66 9.91
N PHE A 219 -7.38 20.52 10.58
CA PHE A 219 -7.76 19.28 9.91
C PHE A 219 -9.21 19.34 9.46
N GLU A 220 -10.11 19.83 10.32
CA GLU A 220 -11.52 19.81 9.96
C GLU A 220 -11.76 20.63 8.68
N GLU A 221 -11.10 21.78 8.56
CA GLU A 221 -11.30 22.65 7.40
C GLU A 221 -10.79 21.98 6.11
N ILE A 222 -9.69 21.26 6.23
CA ILE A 222 -9.15 20.45 5.12
C ILE A 222 -10.08 19.30 4.77
N ALA A 223 -10.50 18.53 5.77
CA ALA A 223 -11.32 17.33 5.52
C ALA A 223 -12.65 17.68 4.86
N LYS A 224 -13.19 18.85 5.18
CA LYS A 224 -14.45 19.28 4.61
C LYS A 224 -14.43 19.37 3.10
N ARG A 225 -13.24 19.39 2.49
CA ARG A 225 -13.17 19.46 1.03
C ARG A 225 -13.05 18.06 0.41
N SER A 226 -13.27 17.02 1.19
CA SER A 226 -13.22 15.66 0.69
C SER A 226 -14.54 14.95 0.97
N GLU A 227 -14.70 13.80 0.30
CA GLU A 227 -15.86 12.93 0.44
C GLU A 227 -15.52 11.56 1.01
N LEU A 228 -14.31 11.08 0.76
CA LEU A 228 -13.79 9.83 1.25
C LEU A 228 -12.39 10.11 1.73
N ALA A 229 -11.89 9.20 2.55
CA ALA A 229 -10.53 9.28 3.06
C ALA A 229 -9.86 7.91 3.01
N ILE A 230 -8.56 7.93 2.74
CA ILE A 230 -7.73 6.73 2.85
C ILE A 230 -6.57 7.09 3.74
N ILE A 231 -6.43 6.33 4.84
CA ILE A 231 -5.42 6.58 5.84
C ILE A 231 -4.35 5.49 5.70
N SER A 232 -3.09 5.90 5.84
CA SER A 232 -1.96 5.03 5.55
C SER A 232 -0.77 5.49 6.38
N GLY A 233 0.20 4.60 6.59
CA GLY A 233 1.44 4.98 7.18
C GLY A 233 1.59 4.69 8.66
N LEU A 234 0.69 3.91 9.25
CA LEU A 234 0.75 3.59 10.68
C LEU A 234 1.73 2.47 10.96
N HIS A 235 2.05 1.70 9.92
CA HIS A 235 2.73 0.44 10.14
C HIS A 235 4.13 0.53 10.71
N PRO A 236 4.93 1.60 10.50
CA PRO A 236 6.28 1.59 11.07
C PRO A 236 6.35 2.00 12.52
N LEU A 237 5.25 2.47 13.10
CA LEU A 237 5.31 3.01 14.45
C LEU A 237 5.67 1.88 15.41
N THR A 238 6.34 2.26 16.50
CA THR A 238 6.82 1.31 17.48
C THR A 238 6.27 1.68 18.85
N GLN A 239 6.54 0.83 19.85
CA GLN A 239 6.16 1.15 21.22
C GLN A 239 6.79 2.44 21.69
N GLU A 240 7.98 2.78 21.18
CA GLU A 240 8.66 3.96 21.67
C GLU A 240 7.93 5.23 21.26
N ASN A 241 7.57 5.35 19.97
CA ASN A 241 7.14 6.62 19.40
C ASN A 241 5.66 6.71 19.03
N HIS A 242 4.84 5.69 19.33
CA HIS A 242 3.47 5.63 18.81
C HIS A 242 2.53 6.63 19.48
N GLY A 243 2.85 7.10 20.69
CA GLY A 243 1.92 7.89 21.50
C GLY A 243 1.26 9.05 20.77
N LYS A 244 2.05 10.10 20.51
CA LYS A 244 1.50 11.30 19.90
C LYS A 244 0.85 10.99 18.55
N PRO A 245 1.50 10.29 17.61
CA PRO A 245 0.83 10.14 16.31
C PRO A 245 -0.48 9.37 16.38
N ILE A 246 -0.57 8.30 17.19
CA ILE A 246 -1.83 7.56 17.27
C ILE A 246 -2.93 8.45 17.84
N LYS A 247 -2.57 9.30 18.80
CA LYS A 247 -3.52 10.28 19.33
C LYS A 247 -3.97 11.22 18.23
N LEU A 248 -3.06 11.66 17.35
CA LEU A 248 -3.48 12.53 16.24
C LEU A 248 -4.42 11.78 15.31
N VAL A 249 -4.06 10.55 14.95
CA VAL A 249 -4.89 9.82 14.00
C VAL A 249 -6.29 9.61 14.56
N ARG A 250 -6.36 9.28 15.86
CA ARG A 250 -7.66 9.07 16.49
C ARG A 250 -8.52 10.34 16.45
N GLU A 251 -7.92 11.49 16.78
CA GLU A 251 -8.65 12.77 16.68
C GLU A 251 -9.13 13.03 15.25
N HIS A 252 -8.29 12.73 14.26
CA HIS A 252 -8.65 12.94 12.86
C HIS A 252 -9.77 12.00 12.43
N LEU A 253 -9.71 10.74 12.90
CA LEU A 253 -10.78 9.79 12.61
C LEU A 253 -12.12 10.26 13.20
N LYS A 254 -12.09 10.77 14.44
CA LYS A 254 -13.32 11.27 15.03
C LYS A 254 -13.89 12.44 14.23
N ILE A 255 -13.04 13.34 13.72
CA ILE A 255 -13.56 14.43 12.90
C ILE A 255 -14.17 13.89 11.61
N LEU A 256 -13.49 12.93 10.97
CA LEU A 256 -14.03 12.35 9.75
C LEU A 256 -15.38 11.71 10.01
N ASN A 257 -15.49 10.97 11.12
CA ASN A 257 -16.76 10.41 11.54
C ASN A 257 -17.81 11.50 11.76
N ASP A 258 -17.48 12.56 12.50
CA ASP A 258 -18.43 13.69 12.66
C ASP A 258 -18.88 14.28 11.30
N LEU A 259 -18.00 14.30 10.32
CA LEU A 259 -18.31 14.91 9.03
C LEU A 259 -19.00 13.95 8.06
N GLY A 260 -19.12 12.67 8.41
CA GLY A 260 -19.77 11.69 7.54
C GLY A 260 -18.86 11.17 6.44
N ILE A 261 -17.56 11.36 6.57
CA ILE A 261 -16.58 11.02 5.55
C ILE A 261 -16.05 9.60 5.79
N ARG A 262 -16.45 8.65 4.94
CA ARG A 262 -16.05 7.26 5.12
C ARG A 262 -14.55 7.07 4.86
N ALA A 263 -13.91 6.30 5.75
CA ALA A 263 -12.46 6.12 5.75
C ALA A 263 -12.12 4.66 5.52
N HIS A 264 -11.02 4.47 4.78
CA HIS A 264 -10.46 3.18 4.45
C HIS A 264 -9.04 3.09 4.94
N LEU A 265 -8.64 1.91 5.41
CA LEU A 265 -7.25 1.61 5.75
C LEU A 265 -6.80 0.33 5.08
N GLU A 266 -5.62 0.37 4.42
CA GLU A 266 -4.94 -0.88 4.06
C GLU A 266 -4.07 -1.25 5.25
N PHE A 267 -4.33 -2.41 5.85
CA PHE A 267 -3.68 -2.78 7.11
C PHE A 267 -2.31 -3.38 6.79
N ALA A 268 -1.40 -2.51 6.30
CA ALA A 268 -0.03 -2.89 6.00
C ALA A 268 0.60 -3.61 7.20
N PHE A 269 1.47 -4.57 6.93
CA PHE A 269 2.09 -5.36 7.99
C PHE A 269 2.79 -4.46 9.03
N THR A 270 2.50 -4.69 10.29
CA THR A 270 2.94 -3.79 11.36
C THR A 270 3.76 -4.63 12.31
N PRO A 271 5.09 -4.52 12.27
CA PRO A 271 5.93 -5.43 13.07
C PRO A 271 5.71 -5.33 14.57
N ASP A 272 5.59 -4.11 15.11
CA ASP A 272 5.39 -3.93 16.54
C ASP A 272 4.00 -4.44 16.92
N GLU A 273 3.94 -5.47 17.76
CA GLU A 273 2.68 -6.11 18.10
C GLU A 273 1.75 -5.21 18.91
N VAL A 274 2.31 -4.35 19.76
CA VAL A 274 1.48 -3.42 20.53
C VAL A 274 0.80 -2.44 19.60
N VAL A 275 1.57 -1.87 18.67
CA VAL A 275 0.95 -0.96 17.73
C VAL A 275 -0.04 -1.70 16.83
N ARG A 276 0.26 -2.93 16.42
CA ARG A 276 -0.70 -3.65 15.59
C ARG A 276 -2.05 -3.76 16.30
N LEU A 277 -2.01 -4.09 17.59
CA LEU A 277 -3.24 -4.12 18.39
C LEU A 277 -3.91 -2.76 18.50
N GLU A 278 -3.14 -1.67 18.52
CA GLU A 278 -3.75 -0.34 18.58
C GLU A 278 -4.45 0.00 17.28
N ILE A 279 -3.88 -0.41 16.16
CA ILE A 279 -4.54 -0.19 14.89
C ILE A 279 -5.86 -0.98 14.84
N VAL A 280 -5.86 -2.19 15.36
CA VAL A 280 -7.10 -2.96 15.43
C VAL A 280 -8.18 -2.16 16.16
N LYS A 281 -7.84 -1.57 17.31
CA LYS A 281 -8.79 -0.77 18.08
C LYS A 281 -9.22 0.50 17.33
N LEU A 282 -8.30 1.07 16.51
CA LEU A 282 -8.70 2.19 15.64
C LEU A 282 -9.72 1.77 14.59
N LEU A 283 -9.76 0.49 14.23
CA LEU A 283 -10.62 0.07 13.12
C LEU A 283 -12.09 0.39 13.34
N LYS A 284 -12.52 0.53 14.60
CA LYS A 284 -13.90 0.90 14.95
C LYS A 284 -14.32 2.20 14.29
N HIS A 285 -13.36 3.07 13.98
CA HIS A 285 -13.62 4.33 13.29
C HIS A 285 -13.58 4.22 11.77
N PHE A 286 -13.28 3.05 11.20
CA PHE A 286 -13.15 2.93 9.75
C PHE A 286 -14.39 2.28 9.16
N TYR A 287 -14.78 2.74 7.97
CA TYR A 287 -15.80 2.06 7.19
C TYR A 287 -15.26 0.78 6.57
N SER A 288 -14.02 0.84 6.11
CA SER A 288 -13.46 -0.17 5.23
C SER A 288 -12.03 -0.47 5.64
N VAL A 289 -11.63 -1.72 5.47
CA VAL A 289 -10.26 -2.17 5.67
C VAL A 289 -9.85 -3.13 4.55
N GLY A 290 -8.60 -3.03 4.11
CA GLY A 290 -8.05 -3.97 3.14
C GLY A 290 -6.87 -4.68 3.74
N LEU A 291 -6.71 -5.96 3.37
CA LEU A 291 -5.49 -6.64 3.78
C LEU A 291 -5.25 -7.87 2.90
N ASN A 292 -3.99 -8.35 2.91
CA ASN A 292 -3.62 -9.60 2.26
C ASN A 292 -3.47 -10.73 3.28
N GLU A 293 -2.98 -11.89 2.83
CA GLU A 293 -2.93 -13.08 3.66
C GLU A 293 -1.97 -12.92 4.85
N VAL A 294 -0.81 -12.30 4.63
CA VAL A 294 0.19 -12.13 5.70
C VAL A 294 -0.33 -11.15 6.74
N GLU A 295 -0.97 -10.09 6.27
CA GLU A 295 -1.53 -9.07 7.13
C GLU A 295 -2.67 -9.64 7.97
N LEU A 296 -3.61 -10.36 7.34
CA LEU A 296 -4.70 -10.96 8.08
C LEU A 296 -4.18 -11.93 9.11
N ALA A 297 -3.19 -12.75 8.72
CA ALA A 297 -2.60 -13.72 9.65
C ALA A 297 -1.91 -13.00 10.82
N SER A 298 -1.16 -11.96 10.51
CA SER A 298 -0.53 -11.13 11.53
C SER A 298 -1.53 -10.61 12.56
N VAL A 299 -2.69 -10.16 12.09
CA VAL A 299 -3.71 -9.59 12.97
C VAL A 299 -4.40 -10.67 13.78
N VAL A 300 -4.78 -11.77 13.14
CA VAL A 300 -5.38 -12.90 13.84
C VAL A 300 -4.38 -13.46 14.84
N SER A 301 -3.10 -13.39 14.52
CA SER A 301 -2.07 -13.93 15.40
C SER A 301 -1.95 -13.12 16.68
N VAL A 302 -1.71 -11.81 16.56
CA VAL A 302 -1.61 -10.96 17.74
C VAL A 302 -2.86 -11.02 18.61
N MET A 303 -3.98 -11.48 18.06
CA MET A 303 -5.20 -11.65 18.83
C MET A 303 -5.28 -13.01 19.51
N GLY A 304 -4.27 -13.85 19.33
CA GLY A 304 -4.22 -15.09 20.06
C GLY A 304 -4.88 -16.28 19.39
N GLU A 305 -5.16 -16.21 18.09
CA GLU A 305 -5.65 -17.38 17.36
C GLU A 305 -4.52 -17.87 16.44
N LYS A 306 -3.47 -18.37 17.08
CA LYS A 306 -2.27 -18.77 16.34
C LYS A 306 -2.53 -19.90 15.36
N GLU A 307 -3.45 -20.82 15.69
CA GLU A 307 -3.76 -21.91 14.78
C GLU A 307 -4.48 -21.41 13.53
N LEU A 308 -5.37 -20.42 13.69
CA LEU A 308 -6.08 -19.88 12.54
C LEU A 308 -5.15 -19.09 11.65
N ALA A 309 -4.21 -18.35 12.26
CA ALA A 309 -3.25 -17.56 11.49
C ALA A 309 -2.39 -18.47 10.62
N GLU A 310 -2.01 -19.62 11.17
CA GLU A 310 -1.23 -20.61 10.43
C GLU A 310 -2.01 -21.13 9.23
N ARG A 311 -3.30 -21.38 9.39
CA ARG A 311 -4.13 -21.79 8.26
C ARG A 311 -4.28 -20.68 7.23
N ILE A 312 -4.40 -19.41 7.66
CA ILE A 312 -4.62 -18.32 6.69
C ILE A 312 -3.49 -18.28 5.67
N ILE A 313 -2.25 -18.46 6.12
CA ILE A 313 -1.06 -18.41 5.28
C ILE A 313 -0.49 -19.78 4.94
N SER A 314 -1.13 -20.88 5.36
CA SER A 314 -0.52 -22.21 5.27
C SER A 314 -0.56 -22.76 3.85
N LYS A 315 -1.68 -22.64 3.17
CA LYS A 315 -1.83 -23.15 1.81
C LYS A 315 -1.56 -22.04 0.80
N ASP A 316 -1.00 -22.43 -0.34
CA ASP A 316 -0.91 -21.53 -1.49
C ASP A 316 -1.73 -22.13 -2.65
N PRO A 317 -2.91 -21.55 -2.95
CA PRO A 317 -3.51 -20.34 -2.40
C PRO A 317 -4.24 -20.56 -1.07
N ALA A 318 -4.27 -19.49 -0.27
CA ALA A 318 -4.81 -19.55 1.09
C ALA A 318 -6.16 -20.25 1.14
N ASP A 319 -6.26 -21.29 2.04
CA ASP A 319 -7.51 -21.98 2.36
C ASP A 319 -8.61 -20.96 2.55
N PRO A 320 -9.50 -20.77 1.56
CA PRO A 320 -10.40 -19.61 1.61
C PRO A 320 -11.33 -19.60 2.79
N ILE A 321 -11.67 -20.75 3.33
CA ILE A 321 -12.64 -20.78 4.42
C ILE A 321 -11.98 -20.32 5.71
N ALA A 322 -10.71 -20.69 5.93
CA ALA A 322 -9.96 -20.12 7.04
C ALA A 322 -9.87 -18.61 6.91
N VAL A 323 -9.55 -18.12 5.70
CA VAL A 323 -9.53 -16.69 5.45
C VAL A 323 -10.85 -16.07 5.89
N ILE A 324 -11.95 -16.64 5.43
CA ILE A 324 -13.27 -16.09 5.73
C ILE A 324 -13.56 -16.13 7.24
N GLU A 325 -13.12 -17.19 7.94
CA GLU A 325 -13.30 -17.19 9.39
C GLU A 325 -12.57 -16.02 10.01
N GLY A 326 -11.40 -15.67 9.46
CA GLY A 326 -10.66 -14.52 9.98
C GLY A 326 -11.35 -13.20 9.68
N LEU A 327 -11.90 -13.08 8.47
CA LEU A 327 -12.64 -11.89 8.09
C LEU A 327 -13.89 -11.72 8.95
N LEU A 328 -14.60 -12.82 9.17
CA LEU A 328 -15.81 -12.77 10.00
C LEU A 328 -15.44 -12.40 11.42
N LYS A 329 -14.34 -12.95 11.93
CA LYS A 329 -13.84 -12.55 13.24
C LYS A 329 -13.57 -11.06 13.30
N LEU A 330 -12.82 -10.54 12.33
CA LEU A 330 -12.43 -9.13 12.35
C LEU A 330 -13.63 -8.22 12.20
N ILE A 331 -14.58 -8.60 11.35
CA ILE A 331 -15.66 -7.68 11.06
C ILE A 331 -16.61 -7.59 12.24
N LYS A 332 -16.73 -8.65 13.05
CA LYS A 332 -17.59 -8.54 14.22
C LYS A 332 -16.90 -7.84 15.38
N GLU A 333 -15.58 -7.97 15.52
CA GLU A 333 -14.86 -7.29 16.61
C GLU A 333 -14.76 -5.80 16.37
N THR A 334 -14.62 -5.39 15.13
CA THR A 334 -14.36 -3.99 14.83
C THR A 334 -15.61 -3.21 14.45
N GLY A 335 -16.59 -3.84 13.82
CA GLY A 335 -17.71 -3.08 13.32
C GLY A 335 -17.49 -2.40 11.99
N VAL A 336 -16.34 -2.59 11.32
CA VAL A 336 -16.18 -2.09 9.96
C VAL A 336 -17.32 -2.63 9.11
N LYS A 337 -17.74 -1.87 8.10
CA LYS A 337 -18.79 -2.29 7.18
C LYS A 337 -18.27 -3.11 6.02
N ARG A 338 -16.96 -3.07 5.78
CA ARG A 338 -16.35 -3.57 4.55
C ARG A 338 -14.94 -4.07 4.83
N ILE A 339 -14.64 -5.30 4.42
CA ILE A 339 -13.28 -5.81 4.44
C ILE A 339 -12.98 -6.45 3.09
N HIS A 340 -11.87 -6.00 2.48
CA HIS A 340 -11.44 -6.45 1.18
C HIS A 340 -10.17 -7.24 1.41
N PHE A 341 -10.25 -8.53 1.24
CA PHE A 341 -9.11 -9.40 1.31
C PHE A 341 -8.56 -9.57 -0.10
N HIS A 342 -7.25 -9.40 -0.26
CA HIS A 342 -6.66 -9.61 -1.58
C HIS A 342 -5.41 -10.46 -1.46
N THR A 343 -5.31 -11.49 -2.27
CA THR A 343 -4.08 -12.26 -2.32
C THR A 343 -3.77 -12.53 -3.78
N TYR A 344 -2.76 -13.33 -3.98
CA TYR A 344 -2.25 -13.57 -5.36
C TYR A 344 -3.35 -14.01 -6.42
N GLY A 345 -4.03 -15.11 -6.18
CA GLY A 345 -5.01 -15.64 -7.10
C GLY A 345 -6.49 -15.19 -7.04
N TYR A 346 -6.85 -14.40 -6.02
CA TYR A 346 -8.25 -14.07 -5.82
C TYR A 346 -8.38 -12.97 -4.78
N TYR A 347 -9.56 -12.34 -4.77
CA TYR A 347 -9.95 -11.37 -3.77
C TYR A 347 -11.24 -11.87 -3.15
N LEU A 348 -11.47 -11.46 -1.93
CA LEU A 348 -12.75 -11.65 -1.27
C LEU A 348 -13.13 -10.33 -0.63
N ALA A 349 -14.42 -10.05 -0.60
CA ALA A 349 -14.95 -8.96 0.19
C ALA A 349 -16.06 -9.51 1.08
N LEU A 350 -16.15 -9.00 2.29
CA LEU A 350 -17.27 -9.30 3.17
C LEU A 350 -17.84 -7.95 3.55
N THR A 351 -19.10 -7.71 3.20
CA THR A 351 -19.70 -6.38 3.26
C THR A 351 -21.07 -6.45 3.89
N ARG A 352 -21.37 -5.43 4.71
CA ARG A 352 -22.75 -5.15 5.08
C ARG A 352 -23.52 -4.63 3.88
N GLU A 353 -22.89 -3.83 3.03
CA GLU A 353 -23.60 -3.35 1.86
C GLU A 353 -23.71 -4.52 0.86
N LYS A 354 -24.76 -4.49 0.04
CA LYS A 354 -25.11 -5.59 -0.85
C LYS A 354 -25.17 -5.11 -2.31
N GLY A 355 -24.92 -6.02 -3.24
CA GLY A 355 -25.20 -5.79 -4.65
C GLY A 355 -24.01 -6.09 -5.53
N GLU A 356 -24.25 -6.02 -6.85
CA GLU A 356 -23.20 -6.27 -7.82
C GLU A 356 -22.08 -5.24 -7.76
N HIS A 357 -22.35 -4.04 -7.23
CA HIS A 357 -21.34 -2.99 -7.26
C HIS A 357 -20.11 -3.35 -6.43
N VAL A 358 -20.28 -4.23 -5.43
CA VAL A 358 -19.14 -4.70 -4.68
C VAL A 358 -18.25 -5.52 -5.58
N ARG A 359 -18.87 -6.40 -6.39
CA ARG A 359 -18.10 -7.23 -7.30
C ARG A 359 -17.45 -6.37 -8.38
N ASP A 360 -18.21 -5.44 -8.96
CA ASP A 360 -17.66 -4.62 -10.04
C ASP A 360 -16.44 -3.83 -9.59
N ALA A 361 -16.46 -3.34 -8.33
CA ALA A 361 -15.31 -2.62 -7.81
C ALA A 361 -14.12 -3.54 -7.65
N LEU A 362 -14.35 -4.80 -7.26
CA LEU A 362 -13.21 -5.70 -7.09
C LEU A 362 -12.60 -6.02 -8.44
N LEU A 363 -13.44 -6.26 -9.44
CA LEU A 363 -12.98 -6.57 -10.80
C LEU A 363 -12.20 -5.40 -11.40
N PHE A 364 -12.70 -4.20 -11.20
CA PHE A 364 -11.98 -3.03 -11.67
C PHE A 364 -10.61 -2.96 -11.03
N SER A 365 -10.55 -3.11 -9.70
CA SER A 365 -9.25 -3.02 -9.03
C SER A 365 -8.30 -4.13 -9.49
N ALA A 366 -8.83 -5.30 -9.84
CA ALA A 366 -7.97 -6.37 -10.35
C ALA A 366 -7.44 -6.03 -11.75
N LEU A 367 -8.25 -5.34 -12.56
CA LEU A 367 -7.77 -4.86 -13.86
C LEU A 367 -6.68 -3.83 -13.69
N ALA A 368 -6.88 -2.89 -12.77
CA ALA A 368 -5.84 -1.90 -12.49
C ALA A 368 -4.57 -2.57 -12.04
N ALA A 369 -4.69 -3.53 -11.10
CA ALA A 369 -3.48 -4.24 -10.67
C ALA A 369 -2.78 -4.91 -11.85
N ALA A 370 -3.55 -5.56 -12.73
CA ALA A 370 -2.92 -6.29 -13.83
C ALA A 370 -2.27 -5.32 -14.82
N THR A 371 -2.93 -4.20 -15.08
CA THR A 371 -2.34 -3.19 -15.96
C THR A 371 -1.05 -2.64 -15.37
N LYS A 372 -1.05 -2.32 -14.07
CA LYS A 372 0.17 -1.80 -13.45
C LYS A 372 1.32 -2.82 -13.48
N ALA A 373 1.03 -4.09 -13.21
CA ALA A 373 2.08 -5.11 -13.23
C ALA A 373 2.68 -5.27 -14.61
N MET A 374 1.85 -5.14 -15.64
CA MET A 374 2.30 -5.36 -17.01
C MET A 374 3.07 -4.17 -17.52
N LYS A 375 2.48 -2.98 -17.42
CA LYS A 375 3.10 -1.77 -17.91
C LYS A 375 4.15 -1.21 -16.95
N GLY A 376 4.04 -1.52 -15.66
CA GLY A 376 4.91 -0.95 -14.63
C GLY A 376 4.30 0.29 -14.02
N ASN A 377 3.63 1.10 -14.85
CA ASN A 377 2.86 2.24 -14.40
C ASN A 377 1.51 2.21 -15.12
N ILE A 378 0.64 3.14 -14.74
CA ILE A 378 -0.59 3.42 -15.47
C ILE A 378 -0.57 4.92 -15.78
N GLU A 379 -0.77 5.26 -17.06
CA GLU A 379 -0.78 6.65 -17.47
C GLU A 379 -2.18 7.22 -17.66
N LYS A 380 -3.15 6.40 -18.09
CA LYS A 380 -4.49 6.90 -18.36
C LYS A 380 -5.48 5.83 -17.97
N LEU A 381 -6.68 6.29 -17.59
CA LEU A 381 -7.75 5.41 -17.13
C LEU A 381 -8.14 4.37 -18.18
N SER A 382 -8.31 4.78 -19.42
CA SER A 382 -8.73 3.84 -20.44
C SER A 382 -7.65 2.81 -20.78
N ASP A 383 -6.39 3.06 -20.43
CA ASP A 383 -5.35 2.03 -20.53
C ASP A 383 -5.68 0.77 -19.71
N ILE A 384 -6.51 0.91 -18.67
CA ILE A 384 -6.85 -0.27 -17.87
C ILE A 384 -7.52 -1.34 -18.73
N ARG A 385 -8.10 -0.95 -19.86
CA ARG A 385 -8.65 -1.90 -20.82
C ARG A 385 -7.64 -2.99 -21.19
N GLU A 386 -6.35 -2.67 -21.14
CA GLU A 386 -5.34 -3.67 -21.48
C GLU A 386 -5.38 -4.85 -20.52
N GLY A 387 -5.88 -4.64 -19.30
CA GLY A 387 -5.96 -5.74 -18.39
C GLY A 387 -6.98 -6.78 -18.80
N LEU A 388 -7.89 -6.41 -19.71
CA LEU A 388 -8.89 -7.37 -20.15
C LEU A 388 -8.26 -8.57 -20.84
N ALA A 389 -7.14 -8.36 -21.55
CA ALA A 389 -6.46 -9.45 -22.24
C ALA A 389 -5.63 -10.35 -21.32
N VAL A 390 -5.48 -10.03 -20.04
CA VAL A 390 -4.65 -10.86 -19.16
C VAL A 390 -5.49 -12.06 -18.72
N PRO A 391 -5.00 -13.29 -18.88
CA PRO A 391 -5.81 -14.43 -18.45
C PRO A 391 -6.02 -14.48 -16.94
N ILE A 392 -7.19 -14.99 -16.58
CA ILE A 392 -7.45 -15.35 -15.20
C ILE A 392 -6.60 -16.57 -14.84
N GLY A 393 -6.15 -16.61 -13.61
CA GLY A 393 -5.18 -17.59 -13.18
C GLY A 393 -5.82 -18.85 -12.62
N GLU A 394 -5.05 -19.92 -12.70
CA GLU A 394 -5.51 -21.22 -12.23
C GLU A 394 -5.93 -21.19 -10.77
N GLN A 395 -5.18 -20.50 -9.91
CA GLN A 395 -5.51 -20.52 -8.48
C GLN A 395 -6.87 -19.90 -8.24
N GLY A 396 -7.18 -18.81 -8.93
CA GLY A 396 -8.50 -18.22 -8.78
C GLY A 396 -9.60 -19.21 -9.13
N LEU A 397 -9.45 -19.90 -10.26
CA LEU A 397 -10.49 -20.87 -10.63
C LEU A 397 -10.60 -22.00 -9.60
N GLU A 398 -9.48 -22.38 -8.97
CA GLU A 398 -9.54 -23.47 -8.01
C GLU A 398 -10.32 -23.03 -6.79
N VAL A 399 -10.09 -21.79 -6.35
CA VAL A 399 -10.74 -21.28 -5.17
C VAL A 399 -12.20 -21.03 -5.47
N GLU A 400 -12.53 -20.62 -6.70
CA GLU A 400 -13.94 -20.44 -7.05
C GLU A 400 -14.72 -21.73 -6.79
N LYS A 401 -14.19 -22.86 -7.26
CA LYS A 401 -14.90 -24.14 -7.10
C LYS A 401 -15.16 -24.47 -5.63
N ILE A 402 -14.19 -24.21 -4.76
CA ILE A 402 -14.38 -24.44 -3.33
C ILE A 402 -15.50 -23.55 -2.81
N LEU A 403 -15.46 -22.26 -3.14
CA LEU A 403 -16.46 -21.32 -2.64
C LEU A 403 -17.83 -21.53 -3.28
N GLU A 404 -17.87 -22.03 -4.51
CA GLU A 404 -19.15 -22.39 -5.10
C GLU A 404 -19.81 -23.51 -4.33
N LYS A 405 -19.01 -24.48 -3.89
CA LYS A 405 -19.57 -25.61 -3.17
C LYS A 405 -19.91 -25.27 -1.70
N GLU A 406 -19.11 -24.44 -1.03
CA GLU A 406 -19.24 -24.23 0.41
C GLU A 406 -20.11 -23.03 0.75
N PHE A 407 -20.05 -22.00 -0.06
CA PHE A 407 -21.00 -20.91 -0.04
C PHE A 407 -21.73 -21.10 -1.34
N SER A 408 -22.66 -20.28 -1.68
CA SER A 408 -23.24 -20.80 -2.94
C SER A 408 -23.09 -19.70 -3.96
N LEU A 409 -21.83 -19.35 -4.21
CA LEU A 409 -21.53 -18.13 -4.94
C LEU A 409 -21.98 -18.30 -6.37
N ARG A 410 -22.74 -17.33 -6.86
CA ARG A 410 -23.08 -17.25 -8.27
C ARG A 410 -22.54 -15.95 -8.83
N ASP A 411 -21.80 -16.05 -9.93
CA ASP A 411 -21.09 -14.89 -10.49
C ASP A 411 -20.34 -14.17 -9.38
N GLY A 412 -19.71 -14.96 -8.50
CA GLY A 412 -18.90 -14.40 -7.44
C GLY A 412 -19.64 -13.83 -6.25
N ILE A 413 -20.97 -14.01 -6.12
CA ILE A 413 -21.73 -13.37 -5.05
C ILE A 413 -22.55 -14.38 -4.26
N GLY A 414 -22.54 -14.24 -2.94
CA GLY A 414 -23.39 -15.04 -2.07
C GLY A 414 -23.57 -14.29 -0.78
N SER A 415 -24.32 -14.91 0.13
CA SER A 415 -24.61 -14.32 1.42
C SER A 415 -24.37 -15.30 2.54
N ILE A 416 -23.82 -14.78 3.62
CA ILE A 416 -23.70 -15.47 4.91
C ILE A 416 -24.12 -14.51 6.02
N GLU A 417 -25.04 -14.96 6.85
CA GLU A 417 -25.59 -14.13 7.93
C GLU A 417 -26.09 -12.83 7.29
N ASP A 418 -25.75 -11.65 7.83
CA ASP A 418 -26.18 -10.41 7.21
C ASP A 418 -25.07 -9.77 6.40
N TYR A 419 -24.17 -10.56 5.83
CA TYR A 419 -23.08 -10.06 4.98
C TYR A 419 -23.25 -10.64 3.60
N GLN A 420 -22.83 -9.86 2.61
CA GLN A 420 -22.56 -10.40 1.31
C GLN A 420 -21.10 -10.85 1.26
N LEU A 421 -20.88 -12.01 0.68
CA LEU A 421 -19.56 -12.52 0.42
C LEU A 421 -19.34 -12.39 -1.08
N THR A 422 -18.26 -11.72 -1.46
CA THR A 422 -17.96 -11.49 -2.87
C THR A 422 -16.56 -12.00 -3.16
N PHE A 423 -16.43 -12.68 -4.29
CA PHE A 423 -15.21 -13.35 -4.73
C PHE A 423 -14.98 -12.98 -6.18
N ILE A 424 -13.70 -12.76 -6.53
CA ILE A 424 -13.26 -12.72 -7.94
C ILE A 424 -11.92 -13.42 -8.09
N PRO A 425 -11.70 -14.06 -9.23
CA PRO A 425 -10.36 -14.56 -9.57
C PRO A 425 -9.53 -13.46 -10.24
N THR A 426 -8.28 -13.34 -9.83
CA THR A 426 -7.45 -12.24 -10.28
C THR A 426 -6.93 -12.53 -11.69
N LYS A 427 -6.61 -11.47 -12.42
CA LYS A 427 -5.88 -11.61 -13.68
C LYS A 427 -4.41 -11.45 -13.36
N VAL A 428 -3.64 -12.52 -13.54
CA VAL A 428 -2.28 -12.54 -13.03
C VAL A 428 -1.28 -12.34 -14.15
N VAL A 429 -0.52 -11.26 -14.02
CA VAL A 429 0.64 -10.98 -14.84
C VAL A 429 1.90 -11.49 -14.17
N LYS A 430 2.07 -11.10 -12.91
CA LYS A 430 3.18 -11.54 -12.07
C LYS A 430 4.48 -10.98 -12.63
N LYS A 431 4.70 -9.67 -12.45
CA LYS A 431 5.90 -8.99 -12.96
C LYS A 431 6.23 -7.77 -12.12
N VAL A 436 7.17 -1.49 -5.44
CA VAL A 436 5.90 -1.25 -6.09
C VAL A 436 4.82 -0.92 -5.03
N GLY A 437 3.66 -0.45 -5.50
CA GLY A 437 2.49 -0.27 -4.67
C GLY A 437 1.26 -0.98 -5.21
N ILE A 438 1.40 -2.27 -5.55
CA ILE A 438 0.28 -3.03 -6.09
C ILE A 438 -0.83 -3.18 -5.05
N GLY A 439 -0.45 -3.49 -3.80
CA GLY A 439 -1.45 -3.75 -2.79
C GLY A 439 -2.30 -2.51 -2.54
N ASP A 440 -1.67 -1.35 -2.60
CA ASP A 440 -2.40 -0.12 -2.37
C ASP A 440 -3.26 0.23 -3.58
N THR A 441 -2.76 -0.03 -4.80
CA THR A 441 -3.57 0.17 -6.00
C THR A 441 -4.83 -0.67 -5.93
N ILE A 442 -4.67 -1.90 -5.45
CA ILE A 442 -5.81 -2.80 -5.33
C ILE A 442 -6.84 -2.24 -4.32
N SER A 443 -6.41 -1.98 -3.09
CA SER A 443 -7.46 -1.74 -2.11
C SER A 443 -7.99 -0.30 -2.19
N SER A 444 -7.17 0.64 -2.66
CA SER A 444 -7.68 2.00 -2.89
C SER A 444 -8.62 2.05 -4.08
N SER A 445 -8.29 1.32 -5.16
CA SER A 445 -9.15 1.31 -6.35
C SER A 445 -10.50 0.66 -6.06
N ALA A 446 -10.51 -0.45 -5.28
CA ALA A 446 -11.80 -1.10 -4.98
C ALA A 446 -12.65 -0.20 -4.08
N PHE A 447 -12.02 0.36 -3.03
CA PHE A 447 -12.76 1.22 -2.10
C PHE A 447 -13.39 2.41 -2.81
N VAL A 448 -12.62 3.17 -3.59
CA VAL A 448 -13.14 4.39 -4.21
C VAL A 448 -14.15 4.05 -5.30
N SER A 449 -13.90 3.01 -6.10
CA SER A 449 -14.82 2.71 -7.20
C SER A 449 -16.11 2.13 -6.66
N GLU A 450 -16.06 1.37 -5.57
CA GLU A 450 -17.31 0.88 -5.01
C GLU A 450 -18.18 2.03 -4.59
N PHE A 451 -17.58 3.05 -3.96
CA PHE A 451 -18.40 4.19 -3.56
C PHE A 451 -18.95 4.92 -4.76
N SER A 452 -18.16 5.03 -5.84
CA SER A 452 -18.63 5.72 -7.03
C SER A 452 -19.78 4.96 -7.67
N LEU A 453 -19.84 3.65 -7.49
CA LEU A 453 -20.91 2.86 -8.07
C LEU A 453 -22.21 2.91 -7.27
N HIS A 454 -22.21 3.47 -6.07
CA HIS A 454 -23.35 3.28 -5.16
C HIS A 454 -24.27 4.50 -5.20
S SO4 B . -2.87 19.96 -14.41
O1 SO4 B . -4.20 19.50 -14.03
O2 SO4 B . -1.86 19.27 -13.62
O3 SO4 B . -2.69 19.64 -15.83
O4 SO4 B . -2.74 21.41 -14.18
S SO4 C . -0.66 -9.52 -10.49
O1 SO4 C . -1.63 -8.50 -10.88
O2 SO4 C . -1.33 -10.60 -9.77
O3 SO4 C . 0.00 -10.05 -11.68
O4 SO4 C . 0.38 -8.94 -9.64
S SO4 D . 9.71 -10.95 0.48
O1 SO4 D . 8.58 -10.02 0.64
O2 SO4 D . 9.44 -12.15 1.28
O3 SO4 D . 9.86 -11.28 -0.93
O4 SO4 D . 10.94 -10.32 0.95
S SO4 E . 5.55 3.02 2.95
O1 SO4 E . 4.70 3.08 4.12
O2 SO4 E . 6.31 1.79 2.96
O3 SO4 E . 4.69 3.18 1.78
O4 SO4 E . 6.48 4.14 2.94
S SO4 F . -26.44 -3.20 -7.37
O1 SO4 F . -27.42 -2.65 -6.44
O2 SO4 F . -26.70 -4.65 -7.57
O3 SO4 F . -26.55 -2.56 -8.68
O4 SO4 F . -25.10 -2.97 -6.80
S SO4 G . 14.94 13.47 5.30
O1 SO4 G . 13.74 13.89 5.97
O2 SO4 G . 15.51 12.36 6.06
O3 SO4 G . 14.61 13.04 3.97
O4 SO4 G . 15.89 14.55 5.17
S SO4 H . 21.26 14.48 1.33
O1 SO4 H . 19.95 15.10 1.42
O2 SO4 H . 21.36 13.42 2.33
O3 SO4 H . 21.44 13.90 0.00
O4 SO4 H . 22.31 15.46 1.56
C1 EDO I . 6.18 -20.01 -2.38
O1 EDO I . 7.50 -19.51 -2.55
C2 EDO I . 5.80 -19.94 -0.91
O2 EDO I . 4.54 -20.59 -0.67
H11 EDO I . 5.48 -19.40 -2.97
H12 EDO I . 6.12 -21.03 -2.74
HO1 EDO I . 7.75 -19.54 -3.48
H21 EDO I . 6.57 -20.44 -0.31
H22 EDO I . 5.74 -18.91 -0.58
HO2 EDO I . 4.32 -20.54 0.27
C1 EDO J . -21.42 5.39 8.40
O1 EDO J . -20.06 5.14 8.05
C2 EDO J . -22.28 4.19 8.03
O2 EDO J . -22.62 4.24 6.64
H11 EDO J . -21.50 5.59 9.47
H12 EDO J . -21.79 6.28 7.87
HO1 EDO J . -19.52 5.91 8.29
H21 EDO J . -21.73 3.27 8.24
H22 EDO J . -23.19 4.19 8.64
HO2 EDO J . -23.16 3.48 6.42
C ACT K . -0.33 -11.10 -2.36
O ACT K . -0.83 -10.84 -1.24
OXT ACT K . -0.08 -12.31 -2.57
CH3 ACT K . -0.05 -10.04 -3.39
H1 ACT K . 0.37 -10.50 -4.28
H2 ACT K . 0.65 -9.31 -2.97
H3 ACT K . -0.98 -9.53 -3.65
#